data_1WP6
#
_entry.id   1WP6
#
_cell.length_a   47.620
_cell.length_b   82.800
_cell.length_c   127.170
_cell.angle_alpha   90.00
_cell.angle_beta   90.00
_cell.angle_gamma   90.00
#
_symmetry.space_group_name_H-M   'P 21 21 21'
#
loop_
_entity.id
_entity.type
_entity.pdbx_description
1 polymer 'Glucan 1,4-alpha-maltohexaosidase'
2 non-polymer 'CALCIUM ION'
3 non-polymer 'SODIUM ION'
4 non-polymer 'PHOSPHATE ION'
5 non-polymer 2-AMINO-2-HYDROXYMETHYL-PROPANE-1,3-DIOL
6 water water
#
_entity_poly.entity_id   1
_entity_poly.type   'polypeptide(L)'
_entity_poly.pdbx_seq_one_letter_code
;HHNGTNGTMMQYFEWYLPNDGNHWNRLNSDASNLKSKGITAVWIPPAWKGASQNDVGYGAYDLYDLGEFNQKGTVRTKYG
TRSQLQAAVTSLKNNGIQVYGDVVMNHKGGADATEMVRAVEVNPNNRNQEVTGEYTIEAWTRFDFPGRGNTHSSFKWRWY
HFDGVDWDQSRRLNNRIYKFRGHGKAWDWEVDTENGNYDYLMYADIDMDHPEVVNELRNWGVWYTNTLGLDGFRIDAVKH
IKYSFTRDWINHVRSATGKNMFAVAEFWKNDLGAIENYLQKTNWNHSVFDVPLHYNLYNASKSGGNYDMRNIFNGTVVQR
HPSHAVTFVDNHDSQPEEALESFVEEWFKPLAYALTLTREQGYPSVFYGDYYGIPTHGVPAMRSKIDPILEARQKYAYGK
QNDYLDHHNIIGWTREGNTAHPNSGLATIMSDGAGGSKWMFVGRNKAGQVWSDITGNRTGTVTINADGWGNFSVNGGSVS
IWVNK
;
_entity_poly.pdbx_strand_id   A
#
# COMPACT_ATOMS: atom_id res chain seq x y z
N THR A 5 -15.91 9.45 -7.20
CA THR A 5 -16.61 9.03 -5.95
C THR A 5 -16.65 7.52 -5.80
N ASN A 6 -16.38 7.05 -4.58
CA ASN A 6 -16.37 5.63 -4.25
C ASN A 6 -15.46 4.77 -5.09
N GLY A 7 -14.28 5.28 -5.39
CA GLY A 7 -13.33 4.49 -6.15
C GLY A 7 -12.75 3.44 -5.22
N THR A 8 -12.20 2.38 -5.77
CA THR A 8 -11.62 1.32 -4.96
C THR A 8 -10.33 0.83 -5.63
N MET A 9 -9.28 0.76 -4.83
CA MET A 9 -7.96 0.35 -5.30
C MET A 9 -7.68 -1.12 -4.96
N MET A 10 -6.87 -1.79 -5.77
CA MET A 10 -6.52 -3.16 -5.47
C MET A 10 -5.03 -3.38 -5.65
N GLN A 11 -4.38 -3.88 -4.60
CA GLN A 11 -2.96 -4.20 -4.65
C GLN A 11 -2.96 -5.54 -5.38
N TYR A 12 -2.54 -5.55 -6.64
CA TYR A 12 -2.56 -6.79 -7.40
C TYR A 12 -1.37 -7.71 -7.25
N PHE A 13 -1.08 -8.11 -6.01
CA PHE A 13 0.00 -9.03 -5.76
C PHE A 13 0.17 -9.30 -4.27
N GLU A 14 0.87 -10.40 -3.99
CA GLU A 14 1.17 -10.80 -2.63
C GLU A 14 2.62 -11.31 -2.67
N TRP A 15 3.29 -11.27 -1.53
CA TRP A 15 4.70 -11.66 -1.46
C TRP A 15 5.11 -13.03 -2.00
N TYR A 16 4.34 -14.07 -1.70
CA TYR A 16 4.69 -15.41 -2.13
C TYR A 16 4.11 -15.92 -3.44
N LEU A 17 3.81 -15.01 -4.35
CA LEU A 17 3.28 -15.36 -5.66
C LEU A 17 4.31 -16.28 -6.33
N PRO A 18 3.85 -17.17 -7.23
CA PRO A 18 4.78 -18.07 -7.92
C PRO A 18 5.68 -17.32 -8.89
N ASN A 19 6.92 -17.76 -9.03
CA ASN A 19 7.85 -17.14 -9.97
C ASN A 19 7.74 -17.84 -11.33
N ASP A 20 6.57 -17.67 -11.97
CA ASP A 20 6.30 -18.29 -13.27
C ASP A 20 6.28 -17.29 -14.41
N GLY A 21 6.52 -16.02 -14.11
CA GLY A 21 6.52 -15.00 -15.14
C GLY A 21 5.19 -14.83 -15.85
N ASN A 22 4.11 -15.30 -15.25
CA ASN A 22 2.79 -15.19 -15.86
C ASN A 22 1.82 -14.24 -15.15
N HIS A 23 2.34 -13.44 -14.21
CA HIS A 23 1.47 -12.53 -13.47
C HIS A 23 0.89 -11.38 -14.30
N TRP A 24 1.68 -10.80 -15.20
CA TRP A 24 1.16 -9.72 -16.02
C TRP A 24 0.00 -10.27 -16.86
N ASN A 25 0.16 -11.48 -17.38
CA ASN A 25 -0.90 -12.07 -18.18
C ASN A 25 -2.15 -12.28 -17.33
N ARG A 26 -1.94 -12.69 -16.08
CA ARG A 26 -3.06 -12.89 -15.17
C ARG A 26 -3.84 -11.59 -14.99
N LEU A 27 -3.13 -10.49 -14.78
CA LEU A 27 -3.75 -9.19 -14.59
C LEU A 27 -4.47 -8.76 -15.87
N ASN A 28 -3.83 -9.04 -17.01
CA ASN A 28 -4.38 -8.72 -18.32
C ASN A 28 -5.78 -9.32 -18.46
N SER A 29 -5.88 -10.63 -18.24
CA SER A 29 -7.14 -11.35 -18.37
C SER A 29 -8.15 -11.08 -17.26
N ASP A 30 -7.69 -10.56 -16.13
CA ASP A 30 -8.60 -10.31 -15.02
C ASP A 30 -9.22 -8.90 -15.05
N ALA A 31 -8.71 -8.05 -15.92
CA ALA A 31 -9.17 -6.67 -16.04
C ALA A 31 -10.70 -6.43 -16.06
N SER A 32 -11.39 -7.03 -17.02
CA SER A 32 -12.84 -6.84 -17.12
C SER A 32 -13.59 -7.36 -15.89
N ASN A 33 -13.05 -8.41 -15.27
CA ASN A 33 -13.66 -8.96 -14.08
C ASN A 33 -13.54 -8.00 -12.91
N LEU A 34 -12.34 -7.45 -12.74
CA LEU A 34 -12.07 -6.51 -11.65
C LEU A 34 -12.97 -5.28 -11.78
N LYS A 35 -13.15 -4.81 -13.00
CA LYS A 35 -13.98 -3.64 -13.24
C LYS A 35 -15.44 -3.93 -12.87
N SER A 36 -15.91 -5.13 -13.20
CA SER A 36 -17.28 -5.49 -12.89
C SER A 36 -17.50 -5.61 -11.38
N LYS A 37 -16.45 -6.02 -10.66
CA LYS A 37 -16.55 -6.17 -9.21
C LYS A 37 -16.46 -4.85 -8.46
N GLY A 38 -16.13 -3.77 -9.16
CA GLY A 38 -16.04 -2.48 -8.50
C GLY A 38 -14.65 -1.90 -8.34
N ILE A 39 -13.63 -2.58 -8.84
CA ILE A 39 -12.26 -2.08 -8.74
C ILE A 39 -12.06 -0.97 -9.79
N THR A 40 -11.57 0.19 -9.35
CA THR A 40 -11.35 1.32 -10.24
C THR A 40 -9.87 1.67 -10.44
N ALA A 41 -9.00 1.04 -9.65
CA ALA A 41 -7.57 1.30 -9.76
C ALA A 41 -6.77 0.09 -9.31
N VAL A 42 -5.72 -0.21 -10.06
CA VAL A 42 -4.85 -1.33 -9.77
C VAL A 42 -3.42 -0.90 -9.52
N TRP A 43 -2.89 -1.29 -8.37
CA TRP A 43 -1.53 -1.02 -7.97
C TRP A 43 -0.75 -2.28 -8.33
N ILE A 44 0.12 -2.16 -9.33
CA ILE A 44 0.91 -3.29 -9.80
C ILE A 44 2.20 -3.45 -9.02
N PRO A 45 2.72 -4.68 -8.94
CA PRO A 45 3.97 -4.89 -8.19
C PRO A 45 5.14 -4.25 -8.94
N PRO A 46 6.29 -4.10 -8.27
CA PRO A 46 7.48 -3.51 -8.91
C PRO A 46 7.63 -4.12 -10.31
N ALA A 47 7.73 -3.26 -11.31
CA ALA A 47 7.82 -3.71 -12.70
C ALA A 47 9.23 -3.88 -13.23
N TRP A 48 10.22 -3.49 -12.44
CA TRP A 48 11.62 -3.56 -12.85
C TRP A 48 12.36 -4.81 -12.37
N LYS A 49 13.56 -4.98 -12.90
CA LYS A 49 14.41 -6.12 -12.56
C LYS A 49 14.95 -5.99 -11.14
N GLY A 50 14.82 -7.07 -10.37
CA GLY A 50 15.32 -7.05 -9.01
C GLY A 50 16.71 -7.67 -8.93
N ALA A 51 17.18 -7.96 -7.72
CA ALA A 51 18.50 -8.56 -7.55
C ALA A 51 18.56 -9.96 -8.13
N SER A 52 17.39 -10.58 -8.33
CA SER A 52 17.30 -11.91 -8.91
C SER A 52 15.94 -12.04 -9.60
N GLN A 53 15.73 -13.14 -10.31
CA GLN A 53 14.47 -13.34 -11.00
C GLN A 53 13.29 -13.48 -10.03
N ASN A 54 13.50 -14.17 -8.92
CA ASN A 54 12.40 -14.34 -7.96
C ASN A 54 12.29 -13.21 -6.94
N ASP A 55 12.97 -12.09 -7.17
CA ASP A 55 12.88 -10.97 -6.24
C ASP A 55 11.47 -10.38 -6.42
N VAL A 56 10.82 -10.05 -5.32
CA VAL A 56 9.48 -9.45 -5.40
C VAL A 56 9.57 -8.09 -6.11
N GLY A 57 10.77 -7.51 -6.11
CA GLY A 57 10.98 -6.24 -6.78
C GLY A 57 11.53 -5.14 -5.89
N TYR A 58 11.48 -5.35 -4.58
CA TYR A 58 11.97 -4.36 -3.63
C TYR A 58 13.49 -4.35 -3.53
N GLY A 59 14.10 -5.43 -3.99
CA GLY A 59 15.55 -5.49 -4.02
C GLY A 59 15.83 -4.91 -5.38
N ALA A 60 15.36 -3.69 -5.59
CA ALA A 60 15.48 -2.97 -6.85
C ALA A 60 16.88 -2.85 -7.41
N TYR A 61 17.09 -3.48 -8.56
CA TYR A 61 18.39 -3.45 -9.23
C TYR A 61 18.44 -2.39 -10.33
N ASP A 62 17.56 -2.52 -11.32
CA ASP A 62 17.55 -1.58 -12.45
C ASP A 62 16.14 -1.11 -12.79
N LEU A 63 15.84 0.12 -12.37
CA LEU A 63 14.52 0.71 -12.60
C LEU A 63 14.15 0.91 -14.07
N TYR A 64 15.13 0.81 -14.97
CA TYR A 64 14.90 0.97 -16.41
C TYR A 64 14.77 -0.35 -17.15
N ASP A 65 14.86 -1.45 -16.41
CA ASP A 65 14.73 -2.78 -17.01
C ASP A 65 13.42 -3.37 -16.51
N LEU A 66 12.36 -3.20 -17.29
CA LEU A 66 11.03 -3.69 -16.94
C LEU A 66 10.79 -5.08 -17.49
N GLY A 67 11.81 -5.93 -17.42
CA GLY A 67 11.70 -7.28 -17.95
C GLY A 67 11.94 -7.21 -19.44
N GLU A 68 12.90 -6.37 -19.83
CA GLU A 68 13.25 -6.16 -21.24
C GLU A 68 14.69 -6.55 -21.57
N PHE A 69 15.59 -6.50 -20.59
CA PHE A 69 16.98 -6.83 -20.83
C PHE A 69 17.48 -8.04 -20.06
N ASN A 70 18.43 -8.76 -20.65
CA ASN A 70 19.02 -9.93 -20.03
C ASN A 70 19.97 -9.49 -18.91
N GLN A 71 19.46 -9.44 -17.69
CA GLN A 71 20.27 -9.04 -16.54
C GLN A 71 19.84 -9.87 -15.33
N LYS A 72 20.82 -10.27 -14.54
CA LYS A 72 20.59 -11.07 -13.34
C LYS A 72 20.17 -12.49 -13.69
N GLY A 73 20.63 -12.96 -14.85
CA GLY A 73 20.31 -14.30 -15.29
C GLY A 73 18.91 -14.49 -15.80
N THR A 74 18.27 -13.40 -16.23
CA THR A 74 16.90 -13.48 -16.73
C THR A 74 16.55 -12.23 -17.51
N VAL A 75 15.57 -12.36 -18.40
CA VAL A 75 15.11 -11.21 -19.17
C VAL A 75 13.85 -10.70 -18.48
N ARG A 76 12.89 -11.59 -18.27
CA ARG A 76 11.64 -11.22 -17.60
C ARG A 76 11.87 -10.96 -16.11
N THR A 77 10.91 -10.31 -15.48
CA THR A 77 10.99 -10.06 -14.05
C THR A 77 10.23 -11.26 -13.49
N LYS A 78 9.96 -11.25 -12.20
CA LYS A 78 9.23 -12.34 -11.59
C LYS A 78 7.83 -12.42 -12.21
N TYR A 79 7.32 -11.27 -12.62
CA TYR A 79 5.96 -11.17 -13.17
C TYR A 79 5.79 -11.34 -14.67
N GLY A 80 6.87 -11.23 -15.43
CA GLY A 80 6.77 -11.38 -16.87
C GLY A 80 7.65 -10.39 -17.61
N THR A 81 7.47 -10.29 -18.91
CA THR A 81 8.26 -9.40 -19.75
C THR A 81 7.66 -8.00 -19.87
N ARG A 82 8.40 -7.09 -20.46
CA ARG A 82 7.92 -5.73 -20.65
C ARG A 82 6.67 -5.68 -21.53
N SER A 83 6.67 -6.48 -22.61
CA SER A 83 5.53 -6.50 -23.51
C SER A 83 4.28 -7.06 -22.84
N GLN A 84 4.45 -8.07 -21.99
CA GLN A 84 3.32 -8.65 -21.27
C GLN A 84 2.77 -7.61 -20.29
N LEU A 85 3.68 -6.88 -19.66
CA LEU A 85 3.30 -5.83 -18.72
C LEU A 85 2.52 -4.74 -19.46
N GLN A 86 3.06 -4.28 -20.57
CA GLN A 86 2.38 -3.24 -21.33
C GLN A 86 1.05 -3.70 -21.90
N ALA A 87 0.94 -4.99 -22.18
CA ALA A 87 -0.31 -5.55 -22.70
C ALA A 87 -1.31 -5.59 -21.54
N ALA A 88 -0.81 -5.79 -20.32
CA ALA A 88 -1.68 -5.82 -19.15
C ALA A 88 -2.22 -4.42 -18.88
N VAL A 89 -1.34 -3.41 -18.99
CA VAL A 89 -1.74 -2.03 -18.76
C VAL A 89 -2.79 -1.59 -19.77
N THR A 90 -2.65 -2.02 -21.02
CA THR A 90 -3.61 -1.68 -22.06
C THR A 90 -4.97 -2.27 -21.73
N SER A 91 -4.96 -3.54 -21.31
CA SER A 91 -6.20 -4.21 -20.94
C SER A 91 -6.93 -3.44 -19.84
N LEU A 92 -6.17 -2.98 -18.86
CA LEU A 92 -6.75 -2.22 -17.75
C LEU A 92 -7.29 -0.87 -18.24
N LYS A 93 -6.54 -0.21 -19.11
CA LYS A 93 -6.97 1.09 -19.64
C LYS A 93 -8.25 0.93 -20.46
N ASN A 94 -8.29 -0.12 -21.29
CA ASN A 94 -9.45 -0.38 -22.13
C ASN A 94 -10.70 -0.63 -21.31
N ASN A 95 -10.52 -1.09 -20.06
CA ASN A 95 -11.64 -1.36 -19.18
C ASN A 95 -11.86 -0.21 -18.19
N GLY A 96 -11.24 0.93 -18.48
CA GLY A 96 -11.40 2.09 -17.62
C GLY A 96 -10.81 1.99 -16.23
N ILE A 97 -9.76 1.20 -16.06
CA ILE A 97 -9.12 1.05 -14.76
C ILE A 97 -7.83 1.87 -14.67
N GLN A 98 -7.65 2.61 -13.59
CA GLN A 98 -6.44 3.41 -13.42
C GLN A 98 -5.29 2.51 -12.98
N VAL A 99 -4.07 2.89 -13.36
CA VAL A 99 -2.90 2.09 -13.01
C VAL A 99 -1.89 2.84 -12.14
N TYR A 100 -1.58 2.27 -10.97
CA TYR A 100 -0.61 2.87 -10.07
C TYR A 100 0.62 1.97 -10.02
N GLY A 101 1.77 2.51 -10.41
CA GLY A 101 2.98 1.71 -10.39
C GLY A 101 3.71 1.89 -9.09
N ASP A 102 4.31 0.81 -8.60
CA ASP A 102 5.07 0.88 -7.36
C ASP A 102 6.32 1.71 -7.62
N VAL A 103 6.89 2.29 -6.57
CA VAL A 103 8.06 3.15 -6.69
C VAL A 103 9.07 2.85 -5.57
N VAL A 104 10.26 2.43 -5.95
CA VAL A 104 11.31 2.12 -4.97
C VAL A 104 12.54 3.00 -5.22
N MET A 105 12.69 4.05 -4.41
CA MET A 105 13.81 4.97 -4.58
C MET A 105 14.69 5.12 -3.35
N ASN A 106 14.41 4.36 -2.30
CA ASN A 106 15.22 4.45 -1.09
C ASN A 106 16.57 3.76 -1.25
N HIS A 107 16.58 2.65 -1.97
CA HIS A 107 17.82 1.87 -2.11
C HIS A 107 17.93 1.11 -3.43
N LYS A 108 19.10 0.52 -3.63
CA LYS A 108 19.38 -0.29 -4.81
C LYS A 108 20.13 -1.53 -4.33
N GLY A 109 19.63 -2.70 -4.71
CA GLY A 109 20.28 -3.94 -4.33
C GLY A 109 20.81 -4.66 -5.57
N GLY A 110 21.57 -5.73 -5.36
CA GLY A 110 22.10 -6.47 -6.49
C GLY A 110 23.15 -5.74 -7.33
N ALA A 111 23.94 -4.88 -6.72
CA ALA A 111 24.98 -4.15 -7.45
C ALA A 111 25.79 -5.11 -8.32
N ASP A 112 26.28 -4.62 -9.46
CA ASP A 112 27.06 -5.44 -10.37
C ASP A 112 28.40 -5.85 -9.80
N ALA A 113 29.03 -4.95 -9.04
CA ALA A 113 30.33 -5.23 -8.44
C ALA A 113 30.55 -4.38 -7.20
N THR A 114 31.62 -4.66 -6.47
CA THR A 114 31.96 -3.92 -5.26
C THR A 114 32.96 -2.82 -5.54
N GLU A 115 33.13 -1.93 -4.56
CA GLU A 115 34.05 -0.81 -4.65
C GLU A 115 34.71 -0.62 -3.29
N MET A 116 35.94 -0.14 -3.27
CA MET A 116 36.62 0.10 -1.99
C MET A 116 36.17 1.49 -1.54
N VAL A 117 35.54 1.55 -0.38
CA VAL A 117 35.00 2.81 0.13
C VAL A 117 35.40 3.11 1.56
N ARG A 118 35.72 4.38 1.83
CA ARG A 118 36.09 4.82 3.16
C ARG A 118 34.78 5.03 3.93
N ALA A 119 34.71 4.49 5.14
CA ALA A 119 33.50 4.62 5.93
C ALA A 119 33.74 4.35 7.41
N VAL A 120 32.70 4.61 8.19
CA VAL A 120 32.72 4.37 9.63
C VAL A 120 31.47 3.56 9.93
N GLU A 121 31.51 2.79 11.01
CA GLU A 121 30.35 2.02 11.41
C GLU A 121 29.53 2.92 12.32
N VAL A 122 28.22 2.76 12.28
CA VAL A 122 27.35 3.55 13.15
C VAL A 122 26.54 2.60 14.03
N ASN A 123 25.98 3.14 15.10
CA ASN A 123 25.16 2.37 16.03
C ASN A 123 23.82 2.04 15.37
N PRO A 124 23.54 0.73 15.16
CA PRO A 124 22.28 0.31 14.54
C PRO A 124 21.02 0.84 15.25
N ASN A 125 21.15 1.10 16.56
CA ASN A 125 20.02 1.61 17.33
C ASN A 125 20.05 3.13 17.44
N ASN A 126 21.11 3.72 16.90
CA ASN A 126 21.26 5.17 16.86
C ASN A 126 22.27 5.48 15.78
N ARG A 127 21.79 5.58 14.55
CA ARG A 127 22.66 5.84 13.40
C ARG A 127 23.38 7.18 13.47
N ASN A 128 23.00 8.04 14.41
CA ASN A 128 23.64 9.34 14.57
C ASN A 128 24.95 9.21 15.34
N GLN A 129 25.21 8.03 15.87
CA GLN A 129 26.43 7.78 16.63
C GLN A 129 27.41 6.87 15.91
N GLU A 130 28.60 7.40 15.62
CA GLU A 130 29.65 6.64 14.97
C GLU A 130 30.30 5.78 16.05
N VAL A 131 30.49 4.49 15.78
CA VAL A 131 31.07 3.59 16.76
C VAL A 131 32.48 3.10 16.44
N THR A 132 33.03 3.53 15.30
CA THR A 132 34.39 3.16 14.93
C THR A 132 35.03 4.34 14.23
N GLY A 133 36.33 4.24 13.99
CA GLY A 133 37.02 5.29 13.28
C GLY A 133 36.83 5.02 11.80
N GLU A 134 37.60 5.72 10.96
CA GLU A 134 37.50 5.53 9.51
C GLU A 134 38.31 4.34 9.02
N TYR A 135 37.78 3.61 8.04
CA TYR A 135 38.50 2.50 7.46
C TYR A 135 37.85 2.06 6.16
N THR A 136 38.61 1.34 5.33
CA THR A 136 38.13 0.89 4.03
C THR A 136 37.39 -0.44 4.01
N ILE A 137 36.21 -0.43 3.39
CA ILE A 137 35.38 -1.62 3.26
C ILE A 137 35.14 -1.87 1.78
N GLU A 138 34.62 -3.05 1.46
CA GLU A 138 34.31 -3.42 0.09
C GLU A 138 32.78 -3.39 0.01
N ALA A 139 32.22 -2.37 -0.63
CA ALA A 139 30.76 -2.21 -0.71
C ALA A 139 30.14 -2.47 -2.07
N TRP A 140 28.94 -3.06 -2.07
CA TRP A 140 28.22 -3.34 -3.31
C TRP A 140 27.47 -2.07 -3.71
N THR A 141 28.18 -1.17 -4.40
CA THR A 141 27.62 0.11 -4.79
C THR A 141 27.75 0.44 -6.27
N ARG A 142 28.34 -0.47 -7.05
CA ARG A 142 28.53 -0.20 -8.48
C ARG A 142 27.52 -0.85 -9.42
N PHE A 143 26.84 -0.01 -10.19
CA PHE A 143 25.85 -0.46 -11.15
C PHE A 143 26.20 0.04 -12.55
N ASP A 144 26.40 -0.88 -13.48
CA ASP A 144 26.73 -0.54 -14.86
C ASP A 144 25.65 -1.05 -15.83
N PHE A 145 24.82 -1.98 -15.36
CA PHE A 145 23.73 -2.54 -16.18
C PHE A 145 24.28 -3.09 -17.50
N PRO A 146 25.10 -4.16 -17.41
CA PRO A 146 25.69 -4.76 -18.61
C PRO A 146 24.70 -5.23 -19.68
N GLY A 147 23.57 -5.79 -19.25
CA GLY A 147 22.58 -6.26 -20.20
C GLY A 147 21.72 -5.18 -20.86
N ARG A 148 21.78 -3.96 -20.34
CA ARG A 148 21.00 -2.85 -20.89
C ARG A 148 21.86 -1.81 -21.59
N GLY A 149 23.11 -1.68 -21.17
CA GLY A 149 23.96 -0.68 -21.76
C GLY A 149 23.40 0.68 -21.43
N ASN A 150 23.28 1.55 -22.44
CA ASN A 150 22.74 2.88 -22.24
C ASN A 150 21.31 3.04 -22.72
N THR A 151 20.67 1.93 -23.08
CA THR A 151 19.30 2.00 -23.56
C THR A 151 18.41 2.62 -22.47
N HIS A 152 17.64 3.63 -22.86
CA HIS A 152 16.74 4.35 -21.97
C HIS A 152 17.45 5.35 -21.05
N SER A 153 18.69 5.04 -20.67
CA SER A 153 19.42 5.91 -19.77
C SER A 153 20.89 5.52 -19.68
N SER A 154 21.77 6.52 -19.67
CA SER A 154 23.19 6.28 -19.60
C SER A 154 23.75 6.44 -18.19
N PHE A 155 22.89 6.80 -17.24
CA PHE A 155 23.32 7.00 -15.86
C PHE A 155 23.84 5.73 -15.18
N LYS A 156 25.06 5.83 -14.66
CA LYS A 156 25.69 4.71 -13.95
C LYS A 156 25.80 5.08 -12.46
N TRP A 157 25.66 4.09 -11.59
CA TRP A 157 25.73 4.34 -10.15
C TRP A 157 27.07 3.92 -9.53
N ARG A 158 27.55 4.74 -8.60
CA ARG A 158 28.79 4.47 -7.89
C ARG A 158 28.58 4.76 -6.40
N TRP A 159 29.56 4.41 -5.58
CA TRP A 159 29.45 4.60 -4.14
C TRP A 159 29.06 6.01 -3.69
N TYR A 160 29.58 7.05 -4.36
CA TYR A 160 29.27 8.41 -3.95
C TYR A 160 27.82 8.82 -4.15
N HIS A 161 27.05 7.95 -4.78
CA HIS A 161 25.62 8.20 -5.00
C HIS A 161 24.84 7.61 -3.81
N PHE A 162 25.57 6.99 -2.88
CA PHE A 162 24.96 6.36 -1.70
C PHE A 162 25.49 6.90 -0.38
N ASP A 163 24.72 6.72 0.70
CA ASP A 163 25.14 7.19 2.02
C ASP A 163 25.73 6.06 2.84
N GLY A 164 25.36 4.82 2.49
CA GLY A 164 25.89 3.69 3.23
C GLY A 164 25.34 2.34 2.81
N VAL A 165 25.80 1.30 3.52
CA VAL A 165 25.40 -0.07 3.28
C VAL A 165 25.44 -0.84 4.60
N ASP A 166 25.11 -2.11 4.56
CA ASP A 166 25.11 -2.95 5.76
C ASP A 166 25.98 -4.17 5.57
N TRP A 167 26.92 -4.11 4.64
CA TRP A 167 27.78 -5.27 4.39
C TRP A 167 29.13 -4.93 3.81
N ASP A 168 30.18 -5.39 4.49
CA ASP A 168 31.55 -5.19 4.05
C ASP A 168 31.99 -6.53 3.47
N GLN A 169 32.03 -6.61 2.15
CA GLN A 169 32.39 -7.86 1.48
C GLN A 169 33.77 -8.43 1.87
N SER A 170 34.67 -7.58 2.35
CA SER A 170 36.00 -8.05 2.73
C SER A 170 36.10 -8.62 4.15
N ARG A 171 35.16 -8.26 5.02
CA ARG A 171 35.21 -8.76 6.39
C ARG A 171 33.98 -9.57 6.77
N ARG A 172 32.86 -9.31 6.09
CA ARG A 172 31.61 -10.03 6.33
C ARG A 172 31.12 -10.01 7.78
N LEU A 173 31.10 -8.84 8.40
CA LEU A 173 30.63 -8.72 9.77
C LEU A 173 29.10 -8.57 9.80
N ASN A 174 28.48 -9.12 10.84
CA ASN A 174 27.04 -9.07 10.97
C ASN A 174 26.55 -7.90 11.82
N ASN A 175 25.29 -7.53 11.64
CA ASN A 175 24.66 -6.46 12.41
C ASN A 175 25.41 -5.13 12.35
N ARG A 176 25.95 -4.81 11.17
CA ARG A 176 26.68 -3.57 10.99
C ARG A 176 26.02 -2.67 9.95
N ILE A 177 26.16 -1.36 10.16
CA ILE A 177 25.65 -0.36 9.23
C ILE A 177 26.82 0.59 9.00
N TYR A 178 27.19 0.76 7.74
CA TYR A 178 28.33 1.60 7.40
C TYR A 178 27.93 2.93 6.74
N LYS A 179 28.43 4.03 7.30
CA LYS A 179 28.15 5.34 6.73
C LYS A 179 29.40 5.75 5.95
N PHE A 180 29.24 6.05 4.67
CA PHE A 180 30.39 6.44 3.86
C PHE A 180 30.94 7.80 4.26
N ARG A 181 32.24 7.98 4.04
CA ARG A 181 32.92 9.24 4.33
C ARG A 181 33.07 9.96 3.00
N GLY A 182 33.33 11.27 3.05
CA GLY A 182 33.49 12.02 1.81
C GLY A 182 32.84 13.38 1.91
N HIS A 183 33.01 14.18 0.85
CA HIS A 183 32.43 15.52 0.80
C HIS A 183 30.91 15.50 0.88
N GLY A 184 30.37 16.18 1.89
CA GLY A 184 28.93 16.25 2.05
C GLY A 184 28.23 14.94 2.38
N LYS A 185 28.99 13.97 2.88
CA LYS A 185 28.40 12.67 3.22
C LYS A 185 27.82 12.62 4.64
N ALA A 186 26.53 12.33 4.73
CA ALA A 186 25.83 12.23 6.00
C ALA A 186 24.46 11.63 5.73
N TRP A 187 23.85 11.03 6.75
CA TRP A 187 22.50 10.48 6.58
C TRP A 187 21.61 11.65 6.18
N ASP A 188 20.59 11.38 5.36
CA ASP A 188 19.69 12.45 4.94
C ASP A 188 18.75 12.92 6.05
N TRP A 189 18.17 14.10 5.85
CA TRP A 189 17.24 14.69 6.79
C TRP A 189 16.32 15.58 5.96
N GLU A 190 15.02 15.59 6.25
CA GLU A 190 14.40 14.81 7.33
C GLU A 190 13.94 13.40 6.96
N VAL A 191 14.04 12.51 7.95
CA VAL A 191 13.61 11.11 7.84
C VAL A 191 13.06 10.73 9.21
N ASP A 192 12.38 9.58 9.29
CA ASP A 192 11.85 9.15 10.58
C ASP A 192 13.00 9.07 11.58
N THR A 193 12.70 9.30 12.85
CA THR A 193 13.74 9.29 13.88
C THR A 193 13.91 8.03 14.73
N GLU A 194 13.17 6.96 14.43
CA GLU A 194 13.38 5.74 15.19
C GLU A 194 14.82 5.34 14.87
N ASN A 195 15.55 4.88 15.87
CA ASN A 195 16.95 4.49 15.71
C ASN A 195 17.82 5.74 15.51
N GLY A 196 17.35 6.87 16.04
CA GLY A 196 18.07 8.11 15.90
C GLY A 196 17.83 8.76 14.56
N ASN A 197 18.15 8.02 13.49
CA ASN A 197 17.98 8.48 12.12
C ASN A 197 17.72 7.19 11.34
N TYR A 198 16.52 7.07 10.77
CA TYR A 198 16.15 5.86 10.04
C TYR A 198 16.39 5.94 8.54
N ASP A 199 17.31 6.79 8.10
CA ASP A 199 17.61 6.92 6.69
C ASP A 199 17.99 5.56 6.10
N TYR A 200 18.87 4.84 6.80
CA TYR A 200 19.30 3.53 6.31
C TYR A 200 18.32 2.40 6.65
N LEU A 201 18.03 1.56 5.66
CA LEU A 201 17.13 0.42 5.85
C LEU A 201 17.82 -0.88 5.46
N MET A 202 18.14 -1.01 4.17
CA MET A 202 18.80 -2.21 3.64
C MET A 202 19.50 -1.87 2.34
N TYR A 203 20.25 -2.83 1.80
CA TYR A 203 20.99 -2.66 0.56
C TYR A 203 21.82 -1.37 0.55
N ALA A 204 22.06 -0.81 -0.62
CA ALA A 204 22.84 0.43 -0.71
C ALA A 204 21.86 1.60 -0.61
N ASP A 205 21.99 2.41 0.43
CA ASP A 205 21.08 3.54 0.65
C ASP A 205 21.38 4.75 -0.24
N ILE A 206 20.43 5.10 -1.10
CA ILE A 206 20.58 6.23 -2.02
C ILE A 206 20.70 7.58 -1.29
N ASP A 207 21.70 8.36 -1.69
CA ASP A 207 21.97 9.68 -1.09
C ASP A 207 21.17 10.78 -1.79
N MET A 208 20.10 11.23 -1.13
CA MET A 208 19.25 12.27 -1.69
C MET A 208 19.87 13.67 -1.58
N ASP A 209 21.10 13.74 -1.04
CA ASP A 209 21.80 15.01 -0.92
C ASP A 209 22.59 15.25 -2.22
N HIS A 210 22.74 14.20 -3.02
CA HIS A 210 23.49 14.31 -4.26
C HIS A 210 22.61 14.80 -5.41
N PRO A 211 22.95 15.96 -5.99
CA PRO A 211 22.16 16.52 -7.09
C PRO A 211 22.02 15.62 -8.31
N GLU A 212 23.06 14.85 -8.64
CA GLU A 212 22.97 13.96 -9.79
C GLU A 212 21.95 12.86 -9.53
N VAL A 213 21.83 12.45 -8.27
CA VAL A 213 20.88 11.43 -7.87
C VAL A 213 19.46 11.97 -7.96
N VAL A 214 19.24 13.14 -7.38
CA VAL A 214 17.93 13.79 -7.40
C VAL A 214 17.49 13.98 -8.85
N ASN A 215 18.41 14.47 -9.69
CA ASN A 215 18.12 14.72 -11.10
C ASN A 215 17.78 13.42 -11.82
N GLU A 216 18.53 12.37 -11.52
CA GLU A 216 18.31 11.07 -12.14
C GLU A 216 16.98 10.40 -11.74
N LEU A 217 16.64 10.46 -10.46
CA LEU A 217 15.40 9.85 -10.01
C LEU A 217 14.18 10.57 -10.57
N ARG A 218 14.26 11.89 -10.66
CA ARG A 218 13.16 12.67 -11.20
C ARG A 218 12.96 12.30 -12.68
N ASN A 219 14.07 12.22 -13.41
CA ASN A 219 13.99 11.88 -14.83
C ASN A 219 13.42 10.48 -15.00
N TRP A 220 13.84 9.54 -14.14
CA TRP A 220 13.32 8.19 -14.24
C TRP A 220 11.83 8.19 -13.94
N GLY A 221 11.42 9.00 -12.95
CA GLY A 221 10.01 9.07 -12.60
C GLY A 221 9.13 9.44 -13.79
N VAL A 222 9.63 10.36 -14.62
CA VAL A 222 8.90 10.81 -15.81
C VAL A 222 8.92 9.73 -16.87
N TRP A 223 10.10 9.15 -17.10
CA TRP A 223 10.25 8.09 -18.08
C TRP A 223 9.32 6.93 -17.71
N TYR A 224 9.33 6.57 -16.43
CA TYR A 224 8.51 5.47 -15.90
C TYR A 224 7.02 5.76 -16.13
N THR A 225 6.61 6.98 -15.80
CA THR A 225 5.23 7.39 -15.99
C THR A 225 4.81 7.36 -17.46
N ASN A 226 5.63 7.95 -18.34
CA ASN A 226 5.31 8.00 -19.75
C ASN A 226 5.45 6.67 -20.48
N THR A 227 6.38 5.84 -20.03
CA THR A 227 6.57 4.55 -20.67
C THR A 227 5.39 3.63 -20.47
N LEU A 228 4.86 3.57 -19.25
CA LEU A 228 3.73 2.71 -18.95
C LEU A 228 2.39 3.41 -18.93
N GLY A 229 2.40 4.74 -19.07
CA GLY A 229 1.15 5.48 -19.03
C GLY A 229 0.49 5.37 -17.66
N LEU A 230 1.30 5.51 -16.62
CA LEU A 230 0.82 5.41 -15.24
C LEU A 230 -0.09 6.57 -14.84
N ASP A 231 -1.06 6.29 -13.98
CA ASP A 231 -2.00 7.30 -13.50
C ASP A 231 -1.64 7.74 -12.08
N GLY A 232 -0.83 6.94 -11.40
CA GLY A 232 -0.45 7.26 -10.05
C GLY A 232 0.68 6.40 -9.52
N PHE A 233 1.04 6.61 -8.26
CA PHE A 233 2.12 5.86 -7.63
C PHE A 233 1.81 5.34 -6.23
N ARG A 234 2.52 4.28 -5.86
CA ARG A 234 2.45 3.69 -4.54
C ARG A 234 3.93 3.77 -4.18
N ILE A 235 4.28 4.73 -3.32
CA ILE A 235 5.68 4.95 -2.96
C ILE A 235 6.16 4.15 -1.75
N ASP A 236 7.25 3.43 -1.97
CA ASP A 236 7.88 2.54 -1.00
C ASP A 236 8.82 3.19 0.03
N ALA A 237 8.75 2.70 1.26
CA ALA A 237 9.61 3.13 2.36
C ALA A 237 9.90 4.62 2.49
N VAL A 238 8.88 5.46 2.43
CA VAL A 238 9.08 6.90 2.53
C VAL A 238 9.62 7.41 3.86
N LYS A 239 9.47 6.65 4.94
CA LYS A 239 9.97 7.12 6.22
C LYS A 239 11.49 7.04 6.24
N HIS A 240 12.05 6.35 5.25
CA HIS A 240 13.50 6.20 5.13
C HIS A 240 14.04 7.13 4.04
N ILE A 241 13.15 7.94 3.47
CA ILE A 241 13.54 8.85 2.40
C ILE A 241 13.34 10.31 2.80
N LYS A 242 14.35 11.13 2.49
CA LYS A 242 14.32 12.57 2.77
C LYS A 242 12.92 13.07 2.39
N TYR A 243 12.18 13.56 3.40
CA TYR A 243 10.82 14.02 3.17
C TYR A 243 10.64 15.02 2.02
N SER A 244 11.46 16.07 1.98
CA SER A 244 11.31 17.08 0.93
C SER A 244 11.61 16.52 -0.46
N PHE A 245 12.47 15.51 -0.53
CA PHE A 245 12.78 14.89 -1.82
C PHE A 245 11.52 14.26 -2.39
N THR A 246 10.87 13.41 -1.59
CA THR A 246 9.65 12.74 -2.01
C THR A 246 8.58 13.76 -2.41
N ARG A 247 8.42 14.78 -1.59
CA ARG A 247 7.44 15.84 -1.87
C ARG A 247 7.71 16.45 -3.25
N ASP A 248 8.95 16.88 -3.46
CA ASP A 248 9.31 17.52 -4.72
C ASP A 248 9.47 16.59 -5.90
N TRP A 249 9.65 15.30 -5.64
CA TRP A 249 9.76 14.33 -6.72
C TRP A 249 8.36 14.19 -7.32
N ILE A 250 7.36 14.09 -6.45
CA ILE A 250 5.98 13.96 -6.88
C ILE A 250 5.57 15.21 -7.66
N ASN A 251 5.89 16.39 -7.11
CA ASN A 251 5.57 17.64 -7.78
C ASN A 251 6.21 17.69 -9.17
N HIS A 252 7.48 17.33 -9.24
CA HIS A 252 8.20 17.33 -10.52
C HIS A 252 7.50 16.48 -11.57
N VAL A 253 7.25 15.22 -11.24
CA VAL A 253 6.59 14.29 -12.15
C VAL A 253 5.22 14.79 -12.58
N ARG A 254 4.44 15.31 -11.64
CA ARG A 254 3.12 15.83 -11.98
C ARG A 254 3.27 16.96 -12.99
N SER A 255 4.17 17.89 -12.71
CA SER A 255 4.39 19.03 -13.58
C SER A 255 5.01 18.68 -14.93
N ALA A 256 5.95 17.76 -14.94
CA ALA A 256 6.61 17.37 -16.18
C ALA A 256 5.73 16.54 -17.11
N THR A 257 4.76 15.82 -16.56
CA THR A 257 3.87 15.01 -17.38
C THR A 257 2.53 15.72 -17.62
N GLY A 258 2.26 16.77 -16.85
CA GLY A 258 1.01 17.49 -16.99
C GLY A 258 -0.15 16.63 -16.49
N LYS A 259 0.19 15.64 -15.67
CA LYS A 259 -0.82 14.73 -15.12
C LYS A 259 -0.86 14.86 -13.59
N ASN A 260 -2.06 15.07 -13.06
CA ASN A 260 -2.23 15.20 -11.62
C ASN A 260 -2.17 13.82 -10.96
N MET A 261 -1.07 13.12 -11.23
CA MET A 261 -0.79 11.76 -10.73
C MET A 261 -1.20 11.52 -9.28
N PHE A 262 -1.99 10.49 -9.04
CA PHE A 262 -2.37 10.17 -7.67
C PHE A 262 -1.15 9.52 -7.04
N ALA A 263 -0.94 9.75 -5.76
CA ALA A 263 0.20 9.17 -5.07
C ALA A 263 -0.14 8.80 -3.64
N VAL A 264 0.21 7.57 -3.26
CA VAL A 264 -0.01 7.10 -1.89
C VAL A 264 1.32 6.52 -1.43
N ALA A 265 1.80 7.00 -0.30
CA ALA A 265 3.07 6.56 0.25
C ALA A 265 2.91 5.60 1.41
N GLU A 266 3.86 4.68 1.54
CA GLU A 266 3.81 3.76 2.65
C GLU A 266 4.83 4.19 3.68
N PHE A 267 4.33 4.84 4.73
CA PHE A 267 5.14 5.30 5.84
C PHE A 267 4.76 4.24 6.87
N TRP A 268 5.52 3.15 6.92
CA TRP A 268 5.17 2.09 7.84
C TRP A 268 5.59 2.29 9.29
N LYS A 269 4.70 2.92 10.05
CA LYS A 269 4.94 3.14 11.46
C LYS A 269 3.57 3.26 12.14
N ASN A 270 3.37 2.50 13.21
CA ASN A 270 2.10 2.57 13.91
C ASN A 270 2.19 3.76 14.85
N ASP A 271 2.23 4.96 14.26
CA ASP A 271 2.36 6.20 15.02
C ASP A 271 1.77 7.36 14.23
N LEU A 272 0.56 7.77 14.61
CA LEU A 272 -0.12 8.86 13.92
C LEU A 272 0.72 10.13 13.94
N GLY A 273 1.34 10.41 15.08
CA GLY A 273 2.17 11.60 15.20
C GLY A 273 3.26 11.66 14.15
N ALA A 274 3.93 10.52 13.94
CA ALA A 274 5.00 10.43 12.95
C ALA A 274 4.44 10.63 11.55
N ILE A 275 3.30 10.02 11.28
CA ILE A 275 2.66 10.12 9.97
C ILE A 275 2.15 11.54 9.69
N GLU A 276 1.61 12.20 10.70
CA GLU A 276 1.10 13.54 10.52
C GLU A 276 2.25 14.51 10.25
N ASN A 277 3.39 14.26 10.87
CA ASN A 277 4.56 15.10 10.67
C ASN A 277 5.01 14.94 9.21
N TYR A 278 4.97 13.70 8.72
CA TYR A 278 5.37 13.41 7.34
C TYR A 278 4.46 14.12 6.36
N LEU A 279 3.16 14.16 6.68
CA LEU A 279 2.19 14.82 5.83
C LEU A 279 2.43 16.34 5.78
N GLN A 280 2.76 16.93 6.92
CA GLN A 280 3.03 18.38 6.99
C GLN A 280 4.29 18.70 6.18
N LYS A 281 5.35 17.94 6.42
CA LYS A 281 6.61 18.14 5.74
C LYS A 281 6.54 17.93 4.22
N THR A 282 5.62 17.09 3.77
CA THR A 282 5.45 16.86 2.33
C THR A 282 4.36 17.79 1.81
N ASN A 283 3.91 18.69 2.69
CA ASN A 283 2.90 19.69 2.33
C ASN A 283 1.57 19.10 1.87
N TRP A 284 1.19 17.96 2.44
CA TRP A 284 -0.07 17.32 2.09
C TRP A 284 -0.29 17.12 0.59
N ASN A 285 0.77 16.95 -0.19
CA ASN A 285 0.57 16.78 -1.63
C ASN A 285 0.31 15.35 -2.09
N HIS A 286 0.12 14.44 -1.13
CA HIS A 286 -0.22 13.05 -1.45
C HIS A 286 -0.75 12.31 -0.22
N SER A 287 -1.26 11.10 -0.45
CA SER A 287 -1.82 10.28 0.62
C SER A 287 -0.84 9.28 1.22
N VAL A 288 -1.25 8.65 2.31
CA VAL A 288 -0.45 7.65 3.00
C VAL A 288 -1.37 6.50 3.40
N PHE A 289 -0.80 5.30 3.53
CA PHE A 289 -1.58 4.14 3.95
C PHE A 289 -1.88 4.32 5.43
N ASP A 290 -3.09 3.96 5.84
CA ASP A 290 -3.47 4.09 7.24
C ASP A 290 -2.92 2.89 8.02
N VAL A 291 -1.63 2.90 8.30
CA VAL A 291 -1.01 1.81 9.04
C VAL A 291 -1.61 1.66 10.44
N PRO A 292 -1.89 2.78 11.13
CA PRO A 292 -2.47 2.67 12.48
C PRO A 292 -3.80 1.91 12.46
N LEU A 293 -4.64 2.19 11.47
CA LEU A 293 -5.92 1.49 11.37
C LEU A 293 -5.68 0.00 11.14
N HIS A 294 -4.70 -0.32 10.30
CA HIS A 294 -4.38 -1.72 10.04
C HIS A 294 -4.10 -2.43 11.36
N TYR A 295 -3.34 -1.77 12.23
CA TYR A 295 -3.02 -2.37 13.52
C TYR A 295 -4.23 -2.46 14.45
N ASN A 296 -5.14 -1.49 14.36
CA ASN A 296 -6.35 -1.53 15.18
C ASN A 296 -7.15 -2.75 14.72
N LEU A 297 -7.29 -2.90 13.41
CA LEU A 297 -8.01 -4.01 12.80
C LEU A 297 -7.37 -5.32 13.21
N TYR A 298 -6.05 -5.36 13.10
CA TYR A 298 -5.28 -6.55 13.47
C TYR A 298 -5.49 -6.91 14.94
N ASN A 299 -5.28 -5.93 15.82
CA ASN A 299 -5.44 -6.18 17.25
C ASN A 299 -6.85 -6.60 17.63
N ALA A 300 -7.83 -6.06 16.92
CA ALA A 300 -9.23 -6.42 17.20
C ALA A 300 -9.48 -7.88 16.85
N SER A 301 -8.92 -8.32 15.72
CA SER A 301 -9.12 -9.70 15.29
C SER A 301 -8.36 -10.70 16.17
N LYS A 302 -7.48 -10.20 17.03
CA LYS A 302 -6.67 -11.04 17.92
C LYS A 302 -7.15 -11.02 19.37
N SER A 303 -8.15 -10.18 19.67
CA SER A 303 -8.66 -10.02 21.03
C SER A 303 -9.85 -10.90 21.43
N GLY A 304 -10.25 -11.80 20.53
CA GLY A 304 -11.36 -12.70 20.82
C GLY A 304 -12.64 -12.07 21.31
N GLY A 305 -12.97 -10.89 20.77
CA GLY A 305 -14.20 -10.23 21.17
C GLY A 305 -14.05 -9.17 22.24
N ASN A 306 -12.89 -9.12 22.90
CA ASN A 306 -12.68 -8.13 23.96
C ASN A 306 -12.16 -6.77 23.51
N TYR A 307 -11.96 -6.59 22.22
CA TYR A 307 -11.51 -5.31 21.72
C TYR A 307 -12.70 -4.36 21.88
N ASP A 308 -12.46 -3.11 22.25
CA ASP A 308 -13.57 -2.18 22.38
C ASP A 308 -13.84 -1.63 20.98
N MET A 309 -14.83 -2.18 20.29
CA MET A 309 -15.16 -1.76 18.94
C MET A 309 -15.48 -0.27 18.79
N ARG A 310 -15.77 0.40 19.91
CA ARG A 310 -16.06 1.82 19.88
C ARG A 310 -14.81 2.63 19.51
N ASN A 311 -13.64 2.03 19.75
CA ASN A 311 -12.37 2.68 19.48
C ASN A 311 -11.67 2.26 18.19
N ILE A 312 -12.30 1.39 17.41
CA ILE A 312 -11.70 0.90 16.18
C ILE A 312 -11.02 1.98 15.31
N PHE A 313 -11.53 3.20 15.31
CA PHE A 313 -10.93 4.26 14.51
C PHE A 313 -10.02 5.23 15.27
N ASN A 314 -9.76 4.94 16.54
CA ASN A 314 -8.92 5.82 17.35
C ASN A 314 -7.45 5.82 16.95
N GLY A 315 -6.88 7.03 16.81
CA GLY A 315 -5.48 7.15 16.44
C GLY A 315 -5.15 6.78 15.01
N THR A 316 -6.16 6.74 14.14
CA THR A 316 -5.95 6.38 12.74
C THR A 316 -5.90 7.59 11.81
N VAL A 317 -5.29 7.40 10.64
CA VAL A 317 -5.18 8.47 9.66
C VAL A 317 -6.56 8.81 9.09
N VAL A 318 -7.39 7.79 8.85
CA VAL A 318 -8.71 8.06 8.29
C VAL A 318 -9.60 8.88 9.24
N GLN A 319 -9.38 8.72 10.55
CA GLN A 319 -10.16 9.48 11.53
C GLN A 319 -9.75 10.94 11.56
N ARG A 320 -8.44 11.18 11.65
CA ARG A 320 -7.90 12.54 11.72
C ARG A 320 -7.75 13.26 10.38
N HIS A 321 -7.33 12.54 9.35
CA HIS A 321 -7.13 13.15 8.03
C HIS A 321 -7.69 12.26 6.92
N PRO A 322 -9.02 12.16 6.84
CA PRO A 322 -9.72 11.33 5.84
C PRO A 322 -9.32 11.52 4.38
N SER A 323 -9.10 12.76 3.95
CA SER A 323 -8.74 13.02 2.55
C SER A 323 -7.36 12.54 2.14
N HIS A 324 -6.49 12.26 3.11
CA HIS A 324 -5.14 11.80 2.80
C HIS A 324 -4.90 10.37 3.28
N ALA A 325 -5.99 9.64 3.51
CA ALA A 325 -5.87 8.27 3.99
C ALA A 325 -6.27 7.19 2.99
N VAL A 326 -5.39 6.21 2.81
CA VAL A 326 -5.67 5.07 1.95
C VAL A 326 -5.85 3.92 2.96
N THR A 327 -7.07 3.44 3.09
CA THR A 327 -7.37 2.38 4.06
C THR A 327 -7.23 0.95 3.55
N PHE A 328 -6.44 0.16 4.27
CA PHE A 328 -6.23 -1.23 3.89
C PHE A 328 -6.34 -2.16 5.10
N VAL A 329 -6.66 -3.42 4.82
CA VAL A 329 -6.78 -4.41 5.88
C VAL A 329 -5.44 -5.11 6.07
N ASP A 330 -4.85 -5.54 4.96
CA ASP A 330 -3.56 -6.21 4.98
C ASP A 330 -2.82 -5.93 3.68
N ASN A 331 -1.51 -6.18 3.69
CA ASN A 331 -0.70 -6.00 2.50
C ASN A 331 0.47 -6.99 2.55
N HIS A 332 1.48 -6.79 1.72
CA HIS A 332 2.61 -7.71 1.70
C HIS A 332 3.54 -7.60 2.91
N ASP A 333 3.41 -6.52 3.67
CA ASP A 333 4.23 -6.32 4.86
C ASP A 333 3.64 -7.08 6.04
N SER A 334 2.32 -7.11 6.11
CA SER A 334 1.60 -7.76 7.22
C SER A 334 1.15 -9.19 6.98
N GLN A 335 1.25 -9.68 5.75
CA GLN A 335 0.83 -11.05 5.47
C GLN A 335 1.72 -12.07 6.20
N PRO A 336 1.30 -13.34 6.28
CA PRO A 336 2.06 -14.38 6.95
C PRO A 336 3.52 -14.52 6.53
N GLU A 337 4.38 -14.75 7.53
CA GLU A 337 5.82 -14.93 7.34
C GLU A 337 6.52 -13.71 6.73
N GLU A 338 6.40 -12.58 7.41
CA GLU A 338 7.04 -11.34 6.99
C GLU A 338 7.56 -10.70 8.26
N ALA A 339 8.56 -9.84 8.14
CA ALA A 339 9.13 -9.18 9.30
C ALA A 339 8.06 -8.43 10.09
N LEU A 340 7.13 -7.80 9.37
CA LEU A 340 6.07 -7.03 10.01
C LEU A 340 4.73 -7.76 10.05
N GLU A 341 4.76 -9.08 10.03
CA GLU A 341 3.53 -9.85 10.06
C GLU A 341 2.58 -9.34 11.13
N SER A 342 1.32 -9.20 10.76
CA SER A 342 0.24 -8.72 11.63
C SER A 342 -1.03 -8.86 10.79
N PHE A 343 -1.26 -10.09 10.35
CA PHE A 343 -2.38 -10.46 9.50
C PHE A 343 -3.73 -10.49 10.23
N VAL A 344 -4.69 -9.73 9.70
CA VAL A 344 -6.03 -9.67 10.28
C VAL A 344 -6.67 -11.05 10.14
N GLU A 345 -7.07 -11.65 11.25
CA GLU A 345 -7.67 -12.98 11.21
C GLU A 345 -8.89 -13.09 10.29
N GLU A 346 -9.04 -14.27 9.69
CA GLU A 346 -10.13 -14.54 8.76
C GLU A 346 -11.54 -14.20 9.24
N TRP A 347 -11.89 -14.59 10.47
CA TRP A 347 -13.22 -14.30 10.97
C TRP A 347 -13.52 -12.81 10.98
N PHE A 348 -12.52 -12.01 11.26
CA PHE A 348 -12.67 -10.55 11.35
C PHE A 348 -12.50 -9.81 10.02
N LYS A 349 -11.80 -10.45 9.07
CA LYS A 349 -11.52 -9.83 7.77
C LYS A 349 -12.75 -9.20 7.10
N PRO A 350 -13.91 -9.91 7.08
CA PRO A 350 -15.07 -9.28 6.46
C PRO A 350 -15.52 -8.01 7.17
N LEU A 351 -15.41 -7.99 8.49
CA LEU A 351 -15.78 -6.80 9.25
C LEU A 351 -14.80 -5.69 8.90
N ALA A 352 -13.53 -6.04 8.76
CA ALA A 352 -12.50 -5.08 8.41
C ALA A 352 -12.76 -4.44 7.04
N TYR A 353 -13.11 -5.27 6.06
CA TYR A 353 -13.37 -4.74 4.72
C TYR A 353 -14.65 -3.91 4.70
N ALA A 354 -15.56 -4.19 5.63
CA ALA A 354 -16.81 -3.44 5.71
C ALA A 354 -16.48 -2.08 6.30
N LEU A 355 -15.53 -2.07 7.22
CA LEU A 355 -15.10 -0.84 7.89
C LEU A 355 -14.35 0.10 6.95
N THR A 356 -13.72 -0.45 5.92
CA THR A 356 -12.98 0.39 4.97
C THR A 356 -13.77 0.69 3.70
N LEU A 357 -14.57 -0.28 3.25
CA LEU A 357 -15.35 -0.13 2.02
C LEU A 357 -16.69 0.57 2.08
N THR A 358 -17.42 0.42 3.19
CA THR A 358 -18.75 1.03 3.29
C THR A 358 -18.84 2.37 3.99
N ARG A 359 -17.71 2.90 4.46
CA ARG A 359 -17.74 4.20 5.11
C ARG A 359 -17.36 5.26 4.06
N GLU A 360 -17.81 6.49 4.26
CA GLU A 360 -17.54 7.52 3.29
C GLU A 360 -16.15 8.15 3.26
N GLN A 361 -15.39 8.00 4.33
CA GLN A 361 -14.06 8.59 4.36
C GLN A 361 -12.96 7.59 3.98
N GLY A 362 -11.91 8.08 3.34
CA GLY A 362 -10.81 7.22 2.96
C GLY A 362 -10.91 6.57 1.58
N TYR A 363 -9.76 6.22 1.03
CA TYR A 363 -9.67 5.58 -0.28
C TYR A 363 -9.21 4.15 0.02
N PRO A 364 -10.16 3.20 0.04
CA PRO A 364 -9.91 1.78 0.33
C PRO A 364 -9.14 0.96 -0.69
N SER A 365 -8.39 -0.01 -0.19
CA SER A 365 -7.58 -0.91 -1.01
C SER A 365 -7.92 -2.37 -0.70
N VAL A 366 -8.01 -3.19 -1.74
CA VAL A 366 -8.30 -4.61 -1.55
C VAL A 366 -6.98 -5.34 -1.79
N PHE A 367 -6.62 -6.20 -0.86
CA PHE A 367 -5.37 -6.95 -0.99
C PHE A 367 -5.54 -8.26 -1.77
N TYR A 368 -4.75 -8.41 -2.82
CA TYR A 368 -4.78 -9.60 -3.66
C TYR A 368 -4.71 -10.85 -2.78
N GLY A 369 -3.89 -10.81 -1.75
CA GLY A 369 -3.76 -11.94 -0.84
C GLY A 369 -5.07 -12.33 -0.19
N ASP A 370 -5.87 -11.34 0.21
CA ASP A 370 -7.15 -11.61 0.84
C ASP A 370 -8.21 -12.04 -0.16
N TYR A 371 -8.18 -11.41 -1.33
CA TYR A 371 -9.16 -11.66 -2.38
C TYR A 371 -9.01 -13.04 -3.05
N TYR A 372 -7.80 -13.35 -3.52
CA TYR A 372 -7.56 -14.63 -4.18
C TYR A 372 -6.89 -15.66 -3.29
N GLY A 373 -6.46 -15.25 -2.10
CA GLY A 373 -5.83 -16.16 -1.16
C GLY A 373 -4.31 -16.21 -1.25
N ILE A 374 -3.71 -16.95 -0.32
CA ILE A 374 -2.26 -17.12 -0.26
C ILE A 374 -2.06 -18.60 0.03
N PRO A 375 -2.20 -19.45 -1.00
CA PRO A 375 -2.05 -20.91 -0.91
C PRO A 375 -0.79 -21.44 -0.22
N THR A 376 0.30 -20.70 -0.30
CA THR A 376 1.55 -21.13 0.33
C THR A 376 1.47 -21.08 1.84
N HIS A 377 0.54 -20.29 2.37
CA HIS A 377 0.39 -20.16 3.82
C HIS A 377 -1.01 -20.49 4.33
N GLY A 378 -1.73 -21.31 3.56
CA GLY A 378 -3.06 -21.73 3.96
C GLY A 378 -4.15 -20.68 4.05
N VAL A 379 -3.96 -19.53 3.41
CA VAL A 379 -4.97 -18.47 3.44
C VAL A 379 -5.90 -18.63 2.24
N PRO A 380 -7.17 -18.98 2.50
CA PRO A 380 -8.15 -19.17 1.42
C PRO A 380 -8.56 -17.87 0.75
N ALA A 381 -9.09 -17.98 -0.46
CA ALA A 381 -9.58 -16.80 -1.18
C ALA A 381 -10.85 -16.36 -0.45
N MET A 382 -10.95 -15.07 -0.15
CA MET A 382 -12.13 -14.56 0.55
C MET A 382 -12.96 -13.62 -0.33
N ARG A 383 -12.78 -13.72 -1.64
CA ARG A 383 -13.53 -12.89 -2.57
C ARG A 383 -15.03 -13.11 -2.49
N SER A 384 -15.45 -14.32 -2.12
CA SER A 384 -16.89 -14.58 -2.04
C SER A 384 -17.48 -13.74 -0.91
N LYS A 385 -16.67 -13.43 0.09
CA LYS A 385 -17.13 -12.61 1.22
C LYS A 385 -16.82 -11.13 1.01
N ILE A 386 -15.89 -10.84 0.11
CA ILE A 386 -15.53 -9.46 -0.19
C ILE A 386 -16.39 -8.86 -1.30
N ASP A 387 -16.74 -9.67 -2.30
CA ASP A 387 -17.57 -9.18 -3.40
C ASP A 387 -18.84 -8.47 -2.95
N PRO A 388 -19.57 -9.04 -1.99
CA PRO A 388 -20.80 -8.40 -1.51
C PRO A 388 -20.52 -7.01 -0.93
N ILE A 389 -19.43 -6.90 -0.19
CA ILE A 389 -19.06 -5.63 0.42
C ILE A 389 -18.67 -4.65 -0.67
N LEU A 390 -18.05 -5.16 -1.73
CA LEU A 390 -17.65 -4.31 -2.87
C LEU A 390 -18.89 -3.82 -3.61
N GLU A 391 -19.91 -4.66 -3.72
CA GLU A 391 -21.13 -4.25 -4.40
C GLU A 391 -21.86 -3.20 -3.55
N ALA A 392 -21.74 -3.33 -2.23
CA ALA A 392 -22.36 -2.38 -1.32
C ALA A 392 -21.73 -1.02 -1.55
N ARG A 393 -20.41 -0.99 -1.65
CA ARG A 393 -19.69 0.27 -1.89
C ARG A 393 -20.03 0.84 -3.25
N GLN A 394 -19.99 -0.01 -4.26
CA GLN A 394 -20.28 0.41 -5.63
C GLN A 394 -21.69 0.99 -5.82
N LYS A 395 -22.69 0.33 -5.25
CA LYS A 395 -24.07 0.77 -5.44
C LYS A 395 -24.80 1.44 -4.29
N TYR A 396 -24.40 1.17 -3.05
CA TYR A 396 -25.15 1.72 -1.92
C TYR A 396 -24.49 2.69 -0.95
N ALA A 397 -23.17 2.62 -0.85
CA ALA A 397 -22.43 3.47 0.09
C ALA A 397 -22.28 4.91 -0.38
N TYR A 398 -23.38 5.66 -0.38
CA TYR A 398 -23.38 7.05 -0.81
C TYR A 398 -24.25 7.91 0.10
N GLY A 399 -23.99 9.21 0.10
CA GLY A 399 -24.79 10.12 0.91
C GLY A 399 -24.35 10.28 2.36
N LYS A 400 -25.13 11.06 3.11
CA LYS A 400 -24.85 11.32 4.52
C LYS A 400 -24.59 10.08 5.36
N GLN A 401 -23.60 10.17 6.25
CA GLN A 401 -23.24 9.07 7.12
C GLN A 401 -23.59 9.32 8.58
N ASN A 402 -24.28 8.37 9.20
CA ASN A 402 -24.68 8.47 10.60
C ASN A 402 -23.95 7.36 11.36
N ASP A 403 -23.12 7.76 12.32
CA ASP A 403 -22.33 6.80 13.09
C ASP A 403 -22.99 6.26 14.34
N TYR A 404 -22.72 4.99 14.62
CA TYR A 404 -23.25 4.32 15.80
C TYR A 404 -22.19 3.42 16.41
N LEU A 405 -21.02 3.98 16.67
CA LEU A 405 -19.92 3.24 17.29
C LEU A 405 -20.15 3.47 18.77
N ASP A 406 -21.29 2.96 19.26
CA ASP A 406 -21.71 3.15 20.64
C ASP A 406 -21.74 1.92 21.55
N HIS A 407 -21.16 0.81 21.11
CA HIS A 407 -21.16 -0.39 21.94
C HIS A 407 -19.81 -1.09 21.80
N HIS A 408 -19.34 -1.74 22.87
CA HIS A 408 -18.04 -2.40 22.82
C HIS A 408 -17.95 -3.62 21.90
N ASN A 409 -19.09 -4.13 21.45
CA ASN A 409 -19.10 -5.27 20.53
C ASN A 409 -19.86 -4.94 19.26
N ILE A 410 -21.07 -4.42 19.43
CA ILE A 410 -21.92 -4.11 18.30
C ILE A 410 -21.88 -2.65 17.86
N ILE A 411 -21.27 -2.41 16.71
CA ILE A 411 -21.19 -1.06 16.16
C ILE A 411 -21.81 -1.06 14.77
N GLY A 412 -22.13 0.12 14.26
CA GLY A 412 -22.73 0.23 12.95
C GLY A 412 -22.83 1.67 12.49
N TRP A 413 -23.20 1.86 11.23
CA TRP A 413 -23.34 3.19 10.65
C TRP A 413 -24.26 3.07 9.45
N THR A 414 -24.90 4.17 9.09
CA THR A 414 -25.81 4.17 7.96
C THR A 414 -25.41 5.23 6.94
N ARG A 415 -25.83 5.00 5.70
CA ARG A 415 -25.59 5.94 4.62
C ARG A 415 -26.99 6.23 4.12
N GLU A 416 -27.33 7.51 4.01
CA GLU A 416 -28.66 7.91 3.58
C GLU A 416 -28.88 7.88 2.06
N GLY A 417 -27.79 7.80 1.31
CA GLY A 417 -27.89 7.76 -0.15
C GLY A 417 -28.16 9.10 -0.81
N ASN A 418 -27.95 9.16 -2.12
CA ASN A 418 -28.20 10.37 -2.88
C ASN A 418 -28.87 10.03 -4.21
N THR A 419 -29.51 11.01 -4.82
CA THR A 419 -30.20 10.78 -6.09
C THR A 419 -29.22 10.48 -7.22
N ALA A 420 -27.98 10.92 -7.08
CA ALA A 420 -26.96 10.68 -8.09
C ALA A 420 -26.75 9.17 -8.24
N HIS A 421 -27.10 8.44 -7.19
CA HIS A 421 -26.95 6.98 -7.21
C HIS A 421 -28.26 6.33 -6.82
N PRO A 422 -28.99 5.83 -7.82
CA PRO A 422 -30.28 5.16 -7.70
C PRO A 422 -30.37 4.11 -6.62
N ASN A 423 -31.30 4.33 -5.68
CA ASN A 423 -31.56 3.40 -4.61
C ASN A 423 -30.44 3.24 -3.59
N SER A 424 -29.49 4.17 -3.60
CA SER A 424 -28.37 4.12 -2.67
C SER A 424 -28.80 4.25 -1.21
N GLY A 425 -27.93 3.79 -0.31
CA GLY A 425 -28.23 3.86 1.10
C GLY A 425 -27.96 2.50 1.72
N LEU A 426 -27.47 2.48 2.95
CA LEU A 426 -27.17 1.22 3.61
C LEU A 426 -27.08 1.38 5.12
N ALA A 427 -27.06 0.24 5.80
CA ALA A 427 -26.95 0.19 7.25
C ALA A 427 -25.99 -0.95 7.55
N THR A 428 -24.76 -0.61 7.91
CA THR A 428 -23.78 -1.64 8.24
C THR A 428 -23.80 -1.83 9.74
N ILE A 429 -23.87 -3.09 10.16
CA ILE A 429 -23.87 -3.42 11.58
C ILE A 429 -22.96 -4.63 11.74
N MET A 430 -22.10 -4.61 12.75
CA MET A 430 -21.18 -5.70 12.99
C MET A 430 -20.91 -5.90 14.47
N SER A 431 -20.41 -7.08 14.81
CA SER A 431 -20.08 -7.40 16.20
C SER A 431 -18.87 -8.32 16.26
N ASP A 432 -17.89 -7.95 17.09
CA ASP A 432 -16.70 -8.77 17.24
C ASP A 432 -16.99 -9.79 18.33
N GLY A 433 -18.23 -9.73 18.83
CA GLY A 433 -18.65 -10.64 19.89
C GLY A 433 -20.00 -11.24 19.58
N ALA A 434 -20.84 -11.35 20.61
CA ALA A 434 -22.18 -11.92 20.45
C ALA A 434 -23.04 -11.08 19.50
N GLY A 435 -23.93 -11.74 18.77
CA GLY A 435 -24.80 -11.04 17.85
C GLY A 435 -25.85 -10.20 18.57
N GLY A 436 -26.63 -9.45 17.80
CA GLY A 436 -27.65 -8.60 18.40
C GLY A 436 -28.28 -7.68 17.37
N SER A 437 -28.83 -6.57 17.83
CA SER A 437 -29.46 -5.62 16.92
C SER A 437 -29.21 -4.18 17.37
N LYS A 438 -29.56 -3.22 16.53
CA LYS A 438 -29.38 -1.83 16.87
C LYS A 438 -30.26 -0.96 15.98
N TRP A 439 -30.99 -0.03 16.60
CA TRP A 439 -31.84 0.87 15.84
C TRP A 439 -30.94 1.94 15.22
N MET A 440 -31.13 2.20 13.94
CA MET A 440 -30.33 3.23 13.25
C MET A 440 -31.19 4.00 12.24
N PHE A 441 -30.90 5.28 12.10
CA PHE A 441 -31.62 6.16 11.18
C PHE A 441 -31.02 6.09 9.78
N VAL A 442 -31.85 5.76 8.80
CA VAL A 442 -31.38 5.67 7.42
C VAL A 442 -32.01 6.74 6.52
N GLY A 443 -32.94 7.52 7.07
CA GLY A 443 -33.61 8.56 6.30
C GLY A 443 -35.13 8.38 6.25
N ARG A 444 -35.87 9.47 6.44
CA ARG A 444 -37.33 9.40 6.42
C ARG A 444 -37.87 9.05 5.03
N ASN A 445 -37.12 9.37 3.99
CA ASN A 445 -37.58 9.07 2.65
C ASN A 445 -37.51 7.56 2.37
N LYS A 446 -36.93 6.82 3.33
CA LYS A 446 -36.81 5.37 3.19
C LYS A 446 -37.94 4.65 3.90
N ALA A 447 -38.83 5.42 4.53
CA ALA A 447 -39.97 4.87 5.24
C ALA A 447 -40.73 3.81 4.44
N GLY A 448 -40.91 2.64 5.03
CA GLY A 448 -41.64 1.58 4.36
C GLY A 448 -40.84 0.63 3.51
N GLN A 449 -39.60 0.99 3.18
CA GLN A 449 -38.77 0.12 2.37
C GLN A 449 -38.44 -1.17 3.11
N VAL A 450 -38.34 -2.27 2.37
CA VAL A 450 -38.02 -3.56 2.98
C VAL A 450 -36.58 -3.91 2.61
N TRP A 451 -35.68 -3.75 3.57
CA TRP A 451 -34.26 -4.02 3.38
C TRP A 451 -33.83 -5.46 3.67
N SER A 452 -32.79 -5.90 2.96
CA SER A 452 -32.24 -7.23 3.12
C SER A 452 -30.71 -7.16 3.18
N ASP A 453 -30.10 -8.19 3.76
CA ASP A 453 -28.65 -8.27 3.94
C ASP A 453 -27.87 -8.69 2.69
N ILE A 454 -27.16 -7.73 2.09
CA ILE A 454 -26.40 -8.00 0.88
C ILE A 454 -25.31 -9.06 1.07
N THR A 455 -24.82 -9.24 2.30
CA THR A 455 -23.79 -10.25 2.55
C THR A 455 -24.43 -11.64 2.64
N GLY A 456 -25.71 -11.66 2.96
CA GLY A 456 -26.42 -12.93 3.07
C GLY A 456 -26.27 -13.62 4.43
N ASN A 457 -25.50 -13.01 5.33
CA ASN A 457 -25.28 -13.59 6.65
C ASN A 457 -26.60 -13.67 7.44
N ARG A 458 -27.46 -12.68 7.26
CA ARG A 458 -28.78 -12.64 7.90
C ARG A 458 -29.77 -12.82 6.75
N THR A 459 -30.69 -13.77 6.89
CA THR A 459 -31.65 -14.08 5.84
C THR A 459 -33.00 -13.37 5.86
N GLY A 460 -33.34 -12.71 6.96
CA GLY A 460 -34.63 -12.03 7.01
C GLY A 460 -34.59 -10.67 6.33
N THR A 461 -35.51 -9.79 6.73
CA THR A 461 -35.58 -8.44 6.17
C THR A 461 -35.81 -7.46 7.30
N VAL A 462 -35.61 -6.17 7.01
CA VAL A 462 -35.82 -5.12 7.99
C VAL A 462 -36.60 -3.99 7.34
N THR A 463 -37.79 -3.73 7.86
CA THR A 463 -38.66 -2.68 7.33
C THR A 463 -38.42 -1.36 8.04
N ILE A 464 -38.11 -0.33 7.28
CA ILE A 464 -37.86 1.00 7.84
C ILE A 464 -39.19 1.56 8.31
N ASN A 465 -39.25 2.01 9.56
CA ASN A 465 -40.51 2.56 10.08
C ASN A 465 -40.81 3.95 9.52
N ALA A 466 -41.98 4.47 9.85
CA ALA A 466 -42.41 5.78 9.35
C ALA A 466 -41.42 6.91 9.56
N ASP A 467 -40.61 6.83 10.62
CA ASP A 467 -39.66 7.89 10.90
C ASP A 467 -38.24 7.69 10.36
N GLY A 468 -38.05 6.66 9.53
CA GLY A 468 -36.74 6.43 8.95
C GLY A 468 -35.77 5.58 9.76
N TRP A 469 -36.30 4.85 10.74
CA TRP A 469 -35.48 4.01 11.60
C TRP A 469 -35.72 2.52 11.37
N GLY A 470 -34.64 1.74 11.35
CA GLY A 470 -34.78 0.32 11.17
C GLY A 470 -34.06 -0.39 12.30
N ASN A 471 -34.59 -1.53 12.74
CA ASN A 471 -33.95 -2.29 13.80
C ASN A 471 -33.16 -3.38 13.09
N PHE A 472 -31.88 -3.11 12.85
CA PHE A 472 -31.01 -4.04 12.15
C PHE A 472 -30.34 -5.06 13.05
N SER A 473 -30.20 -6.29 12.55
CA SER A 473 -29.59 -7.36 13.32
C SER A 473 -28.29 -7.87 12.69
N VAL A 474 -27.52 -8.61 13.47
CA VAL A 474 -26.25 -9.17 13.02
C VAL A 474 -25.92 -10.39 13.86
N ASN A 475 -25.24 -11.37 13.26
CA ASN A 475 -24.86 -12.58 13.99
C ASN A 475 -23.54 -12.31 14.71
N GLY A 476 -23.18 -13.20 15.64
CA GLY A 476 -21.94 -13.03 16.38
C GLY A 476 -20.72 -13.07 15.49
N GLY A 477 -19.66 -12.37 15.91
CA GLY A 477 -18.44 -12.34 15.12
C GLY A 477 -18.71 -12.24 13.63
N SER A 478 -19.55 -11.28 13.25
CA SER A 478 -19.92 -11.11 11.86
C SER A 478 -20.31 -9.68 11.49
N VAL A 479 -20.63 -9.49 10.22
CA VAL A 479 -21.06 -8.21 9.70
C VAL A 479 -22.21 -8.42 8.72
N SER A 480 -23.20 -7.54 8.81
CA SER A 480 -24.35 -7.56 7.92
C SER A 480 -24.42 -6.15 7.34
N ILE A 481 -24.84 -6.05 6.09
CA ILE A 481 -24.95 -4.76 5.42
C ILE A 481 -26.32 -4.73 4.75
N TRP A 482 -27.28 -4.14 5.44
CA TRP A 482 -28.64 -4.05 4.92
C TRP A 482 -28.82 -2.95 3.90
N VAL A 483 -29.44 -3.30 2.77
CA VAL A 483 -29.70 -2.34 1.71
C VAL A 483 -31.11 -2.57 1.15
N ASN A 484 -31.62 -1.58 0.41
CA ASN A 484 -32.95 -1.70 -0.17
C ASN A 484 -32.79 -2.32 -1.55
N LYS A 485 -32.46 -3.61 -1.59
CA LYS A 485 -32.27 -4.27 -2.88
C LYS A 485 -33.51 -5.00 -3.36
#